data_1ZGX
#
_entry.id   1ZGX
#
_cell.length_a   34.582
_cell.length_b   41.513
_cell.length_c   58.403
_cell.angle_alpha   90.00
_cell.angle_beta   90.00
_cell.angle_gamma   90.00
#
_symmetry.space_group_name_H-M   'P 21 21 21'
#
loop_
_entity.id
_entity.type
_entity.pdbx_description
1 polymer 'Guanyl-specific ribonuclease Sa'
2 polymer 'Guanyl-specific ribonuclease Sa'
3 non-polymer 'SULFATE ION'
4 water water
#
loop_
_entity_poly.entity_id
_entity_poly.type
_entity_poly.pdbx_seq_one_letter_code
_entity_poly.pdbx_strand_id
1 'polypeptide(L)' DVSGTVCLSALPPEATDTLNLIASDGPFPYSQDGVVFQNRESVLPTQSYGYYHEYTVITPGAR A
2 'polypeptide(L)' TRGTRRIITGEATQEDYYTGDHYATFSLIDKTC B
#
# COMPACT_ATOMS: atom_id res chain seq x y z
N ASP A 1 6.22 8.79 -11.39
CA ASP A 1 4.84 9.19 -11.80
C ASP A 1 3.83 8.19 -11.23
N VAL A 2 2.68 8.67 -10.78
CA VAL A 2 1.54 7.84 -10.34
C VAL A 2 0.65 7.56 -11.52
N SER A 3 0.38 6.28 -11.78
CA SER A 3 -0.38 5.77 -12.93
C SER A 3 -1.91 5.83 -12.63
N GLY A 4 -2.49 6.98 -12.69
CA GLY A 4 -3.94 7.11 -12.55
C GLY A 4 -4.53 6.71 -11.18
N THR A 5 -5.82 6.40 -11.18
CA THR A 5 -6.62 6.16 -9.91
C THR A 5 -7.62 5.03 -10.09
N VAL A 6 -7.36 3.86 -9.31
CA VAL A 6 -8.05 2.52 -9.44
C VAL A 6 -9.18 2.39 -8.35
N CYS A 7 -10.40 1.97 -8.73
CA CYS A 7 -11.48 1.72 -7.74
C CYS A 7 -11.07 0.62 -6.75
N LEU A 8 -11.37 0.84 -5.44
CA LEU A 8 -11.15 -0.17 -4.38
C LEU A 8 -11.90 -1.51 -4.71
N SER A 9 -13.11 -1.43 -5.29
CA SER A 9 -13.88 -2.64 -5.71
C SER A 9 -13.13 -3.45 -6.85
N ALA A 10 -12.22 -2.84 -7.60
CA ALA A 10 -11.47 -3.50 -8.70
C ALA A 10 -10.15 -4.17 -8.18
N LEU A 11 -9.80 -3.97 -6.91
CA LEU A 11 -8.62 -4.61 -6.22
C LEU A 11 -9.02 -5.93 -5.56
N PRO A 12 -8.04 -6.80 -5.20
CA PRO A 12 -8.38 -8.04 -4.44
C PRO A 12 -9.11 -7.76 -3.11
N PRO A 13 -9.99 -8.65 -2.62
CA PRO A 13 -10.66 -8.38 -1.33
C PRO A 13 -9.64 -8.24 -0.16
N GLU A 14 -8.45 -8.86 -0.28
CA GLU A 14 -7.40 -8.75 0.75
C GLU A 14 -6.92 -7.27 0.95
N ALA A 15 -7.07 -6.42 -0.07
CA ALA A 15 -6.72 -4.99 0.08
C ALA A 15 -7.62 -4.30 1.14
N THR A 16 -8.93 -4.68 1.19
CA THR A 16 -9.84 -4.14 2.22
C THR A 16 -9.39 -4.60 3.64
N ASP A 17 -8.94 -5.86 3.79
CA ASP A 17 -8.38 -6.35 5.05
C ASP A 17 -7.18 -5.47 5.53
N THR A 18 -6.23 -5.18 4.59
CA THR A 18 -5.06 -4.35 4.91
C THR A 18 -5.49 -2.93 5.40
N LEU A 19 -6.43 -2.29 4.66
CA LEU A 19 -6.95 -0.98 5.09
C LEU A 19 -7.59 -0.98 6.53
N ASN A 20 -8.34 -2.07 6.85
CA ASN A 20 -8.96 -2.20 8.18
C ASN A 20 -7.84 -2.26 9.29
N LEU A 21 -6.76 -3.03 9.03
CA LEU A 21 -5.66 -3.17 10.02
C LEU A 21 -4.81 -1.88 10.15
N ILE A 22 -4.60 -1.13 9.03
CA ILE A 22 -3.92 0.19 9.11
C ILE A 22 -4.72 1.12 10.11
N ALA A 23 -6.05 1.13 10.02
CA ALA A 23 -6.90 2.00 10.85
C ALA A 23 -6.78 1.65 12.37
N SER A 24 -6.56 0.38 12.74
CA SER A 24 -6.49 -0.10 14.15
C SER A 24 -5.01 -0.22 14.67
N ASP A 25 -4.00 0.12 13.86
CA ASP A 25 -2.58 -0.09 14.17
C ASP A 25 -2.36 -1.57 14.51
N GLY A 26 -2.94 -2.48 13.69
CA GLY A 26 -2.67 -3.90 13.82
C GLY A 26 -3.77 -4.70 14.55
N PRO A 27 -3.48 -5.93 14.98
CA PRO A 27 -2.18 -6.63 14.81
C PRO A 27 -1.90 -6.93 13.29
N PHE A 28 -0.61 -6.92 12.89
CA PHE A 28 -0.23 -7.18 11.48
C PHE A 28 0.31 -8.62 11.26
N PRO A 29 0.08 -9.22 10.07
CA PRO A 29 0.57 -10.62 9.80
C PRO A 29 2.09 -10.74 9.50
N TYR A 30 2.79 -9.66 9.09
CA TYR A 30 4.21 -9.70 8.70
C TYR A 30 5.11 -8.71 9.47
N SER A 31 6.36 -9.11 9.69
CA SER A 31 7.37 -8.27 10.41
C SER A 31 7.62 -6.90 9.74
N GLN A 32 7.62 -6.88 8.38
CA GLN A 32 7.89 -5.63 7.62
C GLN A 32 6.71 -4.63 7.61
N ASP A 33 5.52 -5.05 8.10
CA ASP A 33 4.33 -4.17 8.11
C ASP A 33 4.51 -3.01 9.11
N GLY A 34 4.34 -1.77 8.62
CA GLY A 34 4.53 -0.54 9.41
C GLY A 34 5.92 0.11 9.32
N VAL A 35 6.90 -0.50 8.63
CA VAL A 35 8.21 0.15 8.48
C VAL A 35 8.12 1.36 7.51
N VAL A 36 9.09 2.30 7.63
CA VAL A 36 9.20 3.45 6.70
C VAL A 36 9.52 2.92 5.25
N PHE A 37 8.80 3.48 4.25
CA PHE A 37 9.10 3.27 2.80
C PHE A 37 10.01 4.45 2.33
N GLN A 38 11.22 4.14 1.81
CA GLN A 38 12.21 5.18 1.42
C GLN A 38 11.91 5.95 0.11
N ASN A 39 11.11 5.39 -0.80
CA ASN A 39 10.79 6.03 -2.12
C ASN A 39 12.09 6.38 -2.87
N ARG A 40 13.08 5.47 -2.85
CA ARG A 40 14.43 5.81 -3.40
C ARG A 40 14.46 6.00 -4.96
N GLU A 41 13.48 5.40 -5.67
CA GLU A 41 13.29 5.56 -7.15
C GLU A 41 12.46 6.77 -7.62
N SER A 42 11.95 7.58 -6.66
CA SER A 42 11.15 8.77 -6.97
C SER A 42 9.91 8.47 -7.82
N VAL A 43 9.31 7.26 -7.65
CA VAL A 43 8.05 6.96 -8.36
C VAL A 43 6.90 7.85 -7.78
N LEU A 44 6.86 7.94 -6.41
CA LEU A 44 5.94 8.80 -5.68
C LEU A 44 6.53 10.23 -5.54
N PRO A 45 5.69 11.26 -5.31
CA PRO A 45 6.24 12.64 -5.07
C PRO A 45 7.28 12.67 -3.92
N THR A 46 8.37 13.45 -4.07
CA THR A 46 9.38 13.55 -3.00
C THR A 46 8.79 14.19 -1.72
N GLN A 47 9.04 13.53 -0.56
CA GLN A 47 8.56 14.01 0.77
C GLN A 47 9.63 13.68 1.85
N SER A 48 9.47 14.18 3.09
CA SER A 48 10.42 13.90 4.16
C SER A 48 10.60 12.36 4.39
N TYR A 49 11.73 11.96 5.00
CA TYR A 49 11.94 10.56 5.45
C TYR A 49 10.93 10.30 6.59
N GLY A 50 10.07 9.28 6.46
CA GLY A 50 9.01 8.98 7.44
C GLY A 50 7.60 9.42 7.01
N TYR A 51 7.45 10.17 5.90
CA TYR A 51 6.13 10.54 5.34
C TYR A 51 5.33 9.26 4.86
N TYR A 52 6.05 8.30 4.27
CA TYR A 52 5.48 7.08 3.66
C TYR A 52 5.78 5.83 4.54
N HIS A 53 4.77 4.92 4.68
CA HIS A 53 4.93 3.60 5.36
C HIS A 53 4.35 2.47 4.46
N GLU A 54 4.89 1.23 4.62
CA GLU A 54 4.53 0.07 3.79
C GLU A 54 3.79 -1.05 4.59
N TYR A 55 2.83 -1.73 3.88
CA TYR A 55 1.98 -2.80 4.46
C TYR A 55 1.72 -3.91 3.39
N THR A 56 1.76 -5.18 3.81
CA THR A 56 1.50 -6.32 2.90
C THR A 56 0.00 -6.40 2.57
N VAL A 57 -0.34 -6.67 1.28
CA VAL A 57 -1.66 -7.22 0.85
C VAL A 57 -1.44 -8.74 0.62
N ILE A 58 -2.10 -9.61 1.43
CA ILE A 58 -1.86 -11.05 1.30
C ILE A 58 -2.24 -11.52 -0.13
N THR A 59 -1.37 -12.41 -0.69
CA THR A 59 -1.73 -13.20 -1.92
C THR A 59 -2.11 -14.61 -1.45
N PRO A 60 -3.36 -15.06 -1.66
CA PRO A 60 -3.73 -16.43 -1.24
C PRO A 60 -2.72 -17.50 -1.73
N GLY A 61 -2.24 -18.34 -0.80
CA GLY A 61 -1.23 -19.40 -1.05
C GLY A 61 0.24 -18.99 -0.97
N ALA A 62 0.54 -17.67 -0.84
CA ALA A 62 1.92 -17.15 -0.71
C ALA A 62 2.21 -16.82 0.79
N ARG A 63 3.02 -17.67 1.41
CA ARG A 63 3.39 -17.60 2.83
C ARG A 63 4.83 -17.01 2.97
N THR B 1 7.95 -16.96 0.68
CA THR B 1 7.90 -15.47 0.47
C THR B 1 6.41 -15.05 0.24
N ARG B 2 6.11 -13.74 0.40
CA ARG B 2 4.73 -13.31 0.56
C ARG B 2 4.04 -12.69 -0.66
N GLY B 3 4.62 -12.88 -1.85
CA GLY B 3 4.07 -12.29 -3.06
C GLY B 3 4.43 -10.80 -3.21
N THR B 4 3.85 -10.15 -4.21
CA THR B 4 4.31 -8.83 -4.69
C THR B 4 3.30 -7.68 -4.49
N ARG B 5 2.22 -7.91 -3.69
CA ARG B 5 1.17 -6.91 -3.49
C ARG B 5 1.40 -6.11 -2.17
N ARG B 6 1.23 -4.77 -2.22
CA ARG B 6 1.47 -3.86 -1.06
C ARG B 6 0.54 -2.64 -1.16
N ILE B 7 0.29 -2.00 0.02
CA ILE B 7 -0.24 -0.61 0.12
C ILE B 7 0.84 0.30 0.78
N ILE B 8 1.02 1.50 0.18
CA ILE B 8 1.82 2.58 0.80
C ILE B 8 0.83 3.68 1.30
N THR B 9 0.98 4.09 2.59
CA THR B 9 0.27 5.29 3.11
C THR B 9 1.12 6.55 2.97
N GLY B 10 0.47 7.68 2.61
CA GLY B 10 1.00 9.03 2.89
C GLY B 10 0.25 9.71 4.05
N GLU B 11 0.61 10.97 4.38
CA GLU B 11 0.00 11.70 5.54
C GLU B 11 -1.40 12.37 5.27
N ALA B 12 -1.74 12.71 4.05
CA ALA B 12 -2.95 13.47 3.73
C ALA B 12 -4.22 12.59 3.76
N THR B 13 -5.41 13.26 3.78
CA THR B 13 -6.72 12.68 3.92
C THR B 13 -6.93 11.71 2.72
N GLN B 14 -7.16 10.39 2.95
CA GLN B 14 -7.37 9.30 1.98
C GLN B 14 -6.16 9.06 1.03
N GLU B 15 -4.95 9.50 1.41
CA GLU B 15 -3.77 9.34 0.50
C GLU B 15 -3.16 7.92 0.70
N ASP B 16 -3.66 6.96 -0.09
CA ASP B 16 -3.23 5.53 -0.08
C ASP B 16 -2.96 5.09 -1.53
N TYR B 17 -1.85 4.35 -1.74
CA TYR B 17 -1.40 3.86 -3.08
C TYR B 17 -1.34 2.31 -3.08
N TYR B 18 -1.79 1.69 -4.19
CA TYR B 18 -1.70 0.22 -4.37
C TYR B 18 -0.58 -0.10 -5.41
N THR B 19 0.20 -1.19 -5.12
CA THR B 19 1.13 -1.80 -6.10
C THR B 19 0.88 -3.33 -6.14
N GLY B 20 0.86 -3.91 -7.36
CA GLY B 20 0.85 -5.37 -7.57
C GLY B 20 2.21 -5.97 -7.98
N ASP B 21 3.25 -5.13 -8.10
CA ASP B 21 4.53 -5.49 -8.73
C ASP B 21 5.76 -5.02 -7.88
N HIS B 22 5.64 -5.14 -6.54
CA HIS B 22 6.78 -4.84 -5.62
C HIS B 22 7.37 -3.43 -5.91
N TYR B 23 6.45 -2.44 -6.00
CA TYR B 23 6.82 -0.97 -6.03
C TYR B 23 7.30 -0.48 -7.42
N ALA B 24 7.27 -1.33 -8.48
CA ALA B 24 7.68 -0.81 -9.82
C ALA B 24 6.68 0.27 -10.33
N THR B 25 5.39 0.05 -10.06
CA THR B 25 4.31 1.04 -10.43
C THR B 25 3.28 1.16 -9.25
N PHE B 26 2.65 2.33 -9.22
CA PHE B 26 1.61 2.67 -8.17
C PHE B 26 0.39 3.33 -8.83
N SER B 27 -0.83 3.06 -8.28
CA SER B 27 -2.08 3.79 -8.57
C SER B 27 -2.68 4.34 -7.26
N LEU B 28 -3.26 5.54 -7.31
CA LEU B 28 -4.04 6.06 -6.14
C LEU B 28 -5.29 5.20 -5.96
N ILE B 29 -5.65 4.83 -4.71
CA ILE B 29 -6.87 4.07 -4.43
C ILE B 29 -8.08 5.00 -4.27
N ASP B 30 -9.12 4.81 -5.12
CA ASP B 30 -10.41 5.54 -5.01
C ASP B 30 -11.38 4.66 -4.13
N LYS B 31 -11.47 5.02 -2.84
CA LYS B 31 -12.33 4.31 -1.88
C LYS B 31 -13.84 4.56 -2.07
N THR B 32 -14.21 5.40 -3.04
CA THR B 32 -15.59 5.75 -3.33
C THR B 32 -16.22 4.96 -4.52
N CYS B 33 -15.49 3.97 -5.12
CA CYS B 33 -16.02 3.18 -6.26
C CYS B 33 -15.49 1.72 -6.26
#